data_1A1D
# 
_entry.id   1A1D 
# 
_audit_conform.dict_name       mmcif_pdbx.dic 
_audit_conform.dict_version    5.390 
_audit_conform.dict_location   http://mmcif.pdb.org/dictionaries/ascii/mmcif_pdbx.dic 
# 
loop_
_database_2.database_id 
_database_2.database_code 
_database_2.pdbx_database_accession 
_database_2.pdbx_DOI 
PDB   1A1D         pdb_00001a1d 10.2210/pdb1a1d/pdb 
WWPDB D_1000170271 ?            ?                   
# 
loop_
_pdbx_audit_revision_history.ordinal 
_pdbx_audit_revision_history.data_content_type 
_pdbx_audit_revision_history.major_revision 
_pdbx_audit_revision_history.minor_revision 
_pdbx_audit_revision_history.revision_date 
1 'Structure model' 1 0 1999-03-02 
2 'Structure model' 1 1 2008-03-24 
3 'Structure model' 1 2 2011-07-13 
4 'Structure model' 1 3 2024-04-10 
# 
_pdbx_audit_revision_details.ordinal             1 
_pdbx_audit_revision_details.revision_ordinal    1 
_pdbx_audit_revision_details.data_content_type   'Structure model' 
_pdbx_audit_revision_details.provider            repository 
_pdbx_audit_revision_details.type                'Initial release' 
_pdbx_audit_revision_details.description         ? 
_pdbx_audit_revision_details.details             ? 
# 
loop_
_pdbx_audit_revision_group.ordinal 
_pdbx_audit_revision_group.revision_ordinal 
_pdbx_audit_revision_group.data_content_type 
_pdbx_audit_revision_group.group 
1 2 'Structure model' 'Version format compliance' 
2 3 'Structure model' 'Version format compliance' 
3 4 'Structure model' 'Data collection'           
4 4 'Structure model' 'Database references'       
5 4 'Structure model' Other                       
# 
loop_
_pdbx_audit_revision_category.ordinal 
_pdbx_audit_revision_category.revision_ordinal 
_pdbx_audit_revision_category.data_content_type 
_pdbx_audit_revision_category.category 
1 4 'Structure model' chem_comp_atom       
2 4 'Structure model' chem_comp_bond       
3 4 'Structure model' database_2           
4 4 'Structure model' pdbx_database_status 
# 
loop_
_pdbx_audit_revision_item.ordinal 
_pdbx_audit_revision_item.revision_ordinal 
_pdbx_audit_revision_item.data_content_type 
_pdbx_audit_revision_item.item 
1 4 'Structure model' '_database_2.pdbx_DOI'                
2 4 'Structure model' '_database_2.pdbx_database_accession' 
3 4 'Structure model' '_pdbx_database_status.process_site'  
# 
_pdbx_database_status.status_code                     REL 
_pdbx_database_status.entry_id                        1A1D 
_pdbx_database_status.recvd_initial_deposition_date   1997-12-10 
_pdbx_database_status.deposit_site                    ? 
_pdbx_database_status.process_site                    BNL 
_pdbx_database_status.SG_entry                        . 
_pdbx_database_status.pdb_format_compatible           Y 
_pdbx_database_status.status_code_mr                  ? 
_pdbx_database_status.status_code_sf                  ? 
_pdbx_database_status.status_code_cs                  ? 
_pdbx_database_status.status_code_nmr_data            ? 
_pdbx_database_status.methods_development_category    ? 
# 
loop_
_audit_author.name 
_audit_author.pdbx_ordinal 
'Krapp, S.'     1 
'Kelly, G.'     2 
'Reischl, J.'   3 
'Weinzierl, R.' 4 
'Matthews, S.'  5 
# 
_citation.id                        primary 
_citation.title                     'Eukaryotic RNA polymerase subunit RPB8 is a new relative of the OB family.' 
_citation.journal_abbrev            Nat.Struct.Biol. 
_citation.journal_volume            5 
_citation.page_first                110 
_citation.page_last                 114 
_citation.year                      1998 
_citation.journal_id_ASTM           NSBIEW 
_citation.country                   US 
_citation.journal_id_ISSN           1072-8368 
_citation.journal_id_CSD            2024 
_citation.book_publisher            ? 
_citation.pdbx_database_id_PubMed   9461075 
_citation.pdbx_database_id_DOI      10.1038/nsb0298-110 
# 
loop_
_citation_author.citation_id 
_citation_author.name 
_citation_author.ordinal 
_citation_author.identifier_ORCID 
primary 'Krapp, S.'       1 ? 
primary 'Kelly, G.'       2 ? 
primary 'Reischl, J.'     3 ? 
primary 'Weinzierl, R.O.' 4 ? 
primary 'Matthews, S.'    5 ? 
# 
_entity.id                         1 
_entity.type                       polymer 
_entity.src_method                 man 
_entity.pdbx_description           'RNA POLYMERASE' 
_entity.formula_weight             16525.363 
_entity.pdbx_number_of_molecules   1 
_entity.pdbx_ec                    2.7.7.6 
_entity.pdbx_mutation              ? 
_entity.pdbx_fragment              'SUBUNIT RPB8' 
_entity.details                    ? 
# 
_entity_poly.entity_id                      1 
_entity_poly.type                           'polypeptide(L)' 
_entity_poly.nstd_linkage                   no 
_entity_poly.nstd_monomer                   no 
_entity_poly.pdbx_seq_one_letter_code       
;MSNTLFDDIFQVSEVDPGRYNKVCRIEAASTTQDQCKLTLDINVELFPVAAQDSLTVTIASSLNLEDTPANDSSATRSWR
PPQAGDRSLADDYDYVMYGTAYKFEEVSKDLIAVYYSFGGLLMRLEGNYRNLNNLKQENAYLLIRR
;
_entity_poly.pdbx_seq_one_letter_code_can   
;MSNTLFDDIFQVSEVDPGRYNKVCRIEAASTTQDQCKLTLDINVELFPVAAQDSLTVTIASSLNLEDTPANDSSATRSWR
PPQAGDRSLADDYDYVMYGTAYKFEEVSKDLIAVYYSFGGLLMRLEGNYRNLNNLKQENAYLLIRR
;
_entity_poly.pdbx_strand_id                 A 
_entity_poly.pdbx_target_identifier         ? 
# 
loop_
_entity_poly_seq.entity_id 
_entity_poly_seq.num 
_entity_poly_seq.mon_id 
_entity_poly_seq.hetero 
1 1   MET n 
1 2   SER n 
1 3   ASN n 
1 4   THR n 
1 5   LEU n 
1 6   PHE n 
1 7   ASP n 
1 8   ASP n 
1 9   ILE n 
1 10  PHE n 
1 11  GLN n 
1 12  VAL n 
1 13  SER n 
1 14  GLU n 
1 15  VAL n 
1 16  ASP n 
1 17  PRO n 
1 18  GLY n 
1 19  ARG n 
1 20  TYR n 
1 21  ASN n 
1 22  LYS n 
1 23  VAL n 
1 24  CYS n 
1 25  ARG n 
1 26  ILE n 
1 27  GLU n 
1 28  ALA n 
1 29  ALA n 
1 30  SER n 
1 31  THR n 
1 32  THR n 
1 33  GLN n 
1 34  ASP n 
1 35  GLN n 
1 36  CYS n 
1 37  LYS n 
1 38  LEU n 
1 39  THR n 
1 40  LEU n 
1 41  ASP n 
1 42  ILE n 
1 43  ASN n 
1 44  VAL n 
1 45  GLU n 
1 46  LEU n 
1 47  PHE n 
1 48  PRO n 
1 49  VAL n 
1 50  ALA n 
1 51  ALA n 
1 52  GLN n 
1 53  ASP n 
1 54  SER n 
1 55  LEU n 
1 56  THR n 
1 57  VAL n 
1 58  THR n 
1 59  ILE n 
1 60  ALA n 
1 61  SER n 
1 62  SER n 
1 63  LEU n 
1 64  ASN n 
1 65  LEU n 
1 66  GLU n 
1 67  ASP n 
1 68  THR n 
1 69  PRO n 
1 70  ALA n 
1 71  ASN n 
1 72  ASP n 
1 73  SER n 
1 74  SER n 
1 75  ALA n 
1 76  THR n 
1 77  ARG n 
1 78  SER n 
1 79  TRP n 
1 80  ARG n 
1 81  PRO n 
1 82  PRO n 
1 83  GLN n 
1 84  ALA n 
1 85  GLY n 
1 86  ASP n 
1 87  ARG n 
1 88  SER n 
1 89  LEU n 
1 90  ALA n 
1 91  ASP n 
1 92  ASP n 
1 93  TYR n 
1 94  ASP n 
1 95  TYR n 
1 96  VAL n 
1 97  MET n 
1 98  TYR n 
1 99  GLY n 
1 100 THR n 
1 101 ALA n 
1 102 TYR n 
1 103 LYS n 
1 104 PHE n 
1 105 GLU n 
1 106 GLU n 
1 107 VAL n 
1 108 SER n 
1 109 LYS n 
1 110 ASP n 
1 111 LEU n 
1 112 ILE n 
1 113 ALA n 
1 114 VAL n 
1 115 TYR n 
1 116 TYR n 
1 117 SER n 
1 118 PHE n 
1 119 GLY n 
1 120 GLY n 
1 121 LEU n 
1 122 LEU n 
1 123 MET n 
1 124 ARG n 
1 125 LEU n 
1 126 GLU n 
1 127 GLY n 
1 128 ASN n 
1 129 TYR n 
1 130 ARG n 
1 131 ASN n 
1 132 LEU n 
1 133 ASN n 
1 134 ASN n 
1 135 LEU n 
1 136 LYS n 
1 137 GLN n 
1 138 GLU n 
1 139 ASN n 
1 140 ALA n 
1 141 TYR n 
1 142 LEU n 
1 143 LEU n 
1 144 ILE n 
1 145 ARG n 
1 146 ARG n 
# 
_entity_src_gen.entity_id                          1 
_entity_src_gen.pdbx_src_id                        1 
_entity_src_gen.pdbx_alt_source_flag               sample 
_entity_src_gen.pdbx_seq_type                      ? 
_entity_src_gen.pdbx_beg_seq_num                   ? 
_entity_src_gen.pdbx_end_seq_num                   ? 
_entity_src_gen.gene_src_common_name               
;baker's yeast
;
_entity_src_gen.gene_src_genus                     Saccharomyces 
_entity_src_gen.pdbx_gene_src_gene                 ? 
_entity_src_gen.gene_src_species                   ? 
_entity_src_gen.gene_src_strain                    ? 
_entity_src_gen.gene_src_tissue                    ? 
_entity_src_gen.gene_src_tissue_fraction           ? 
_entity_src_gen.gene_src_details                   ? 
_entity_src_gen.pdbx_gene_src_fragment             ? 
_entity_src_gen.pdbx_gene_src_scientific_name      'Saccharomyces cerevisiae' 
_entity_src_gen.pdbx_gene_src_ncbi_taxonomy_id     4932 
_entity_src_gen.pdbx_gene_src_variant              ? 
_entity_src_gen.pdbx_gene_src_cell_line            ? 
_entity_src_gen.pdbx_gene_src_atcc                 ? 
_entity_src_gen.pdbx_gene_src_organ                ? 
_entity_src_gen.pdbx_gene_src_organelle            ? 
_entity_src_gen.pdbx_gene_src_cell                 ? 
_entity_src_gen.pdbx_gene_src_cellular_location    ? 
_entity_src_gen.host_org_common_name               ? 
_entity_src_gen.pdbx_host_org_scientific_name      'Escherichia coli BL21' 
_entity_src_gen.pdbx_host_org_ncbi_taxonomy_id     511693 
_entity_src_gen.host_org_genus                     Escherichia 
_entity_src_gen.pdbx_host_org_gene                 ? 
_entity_src_gen.pdbx_host_org_organ                ? 
_entity_src_gen.host_org_species                   'Escherichia coli' 
_entity_src_gen.pdbx_host_org_tissue               ? 
_entity_src_gen.pdbx_host_org_tissue_fraction      ? 
_entity_src_gen.pdbx_host_org_strain               BL21 
_entity_src_gen.pdbx_host_org_variant              ? 
_entity_src_gen.pdbx_host_org_cell_line            ? 
_entity_src_gen.pdbx_host_org_atcc                 ? 
_entity_src_gen.pdbx_host_org_culture_collection   ? 
_entity_src_gen.pdbx_host_org_cell                 ? 
_entity_src_gen.pdbx_host_org_organelle            ? 
_entity_src_gen.pdbx_host_org_cellular_location    ? 
_entity_src_gen.pdbx_host_org_vector_type          ? 
_entity_src_gen.pdbx_host_org_vector               ? 
_entity_src_gen.host_org_details                   ? 
_entity_src_gen.expression_system_id               ? 
_entity_src_gen.plasmid_name                       ? 
_entity_src_gen.plasmid_details                    ? 
_entity_src_gen.pdbx_description                   ? 
# 
loop_
_chem_comp.id 
_chem_comp.type 
_chem_comp.mon_nstd_flag 
_chem_comp.name 
_chem_comp.pdbx_synonyms 
_chem_comp.formula 
_chem_comp.formula_weight 
ALA 'L-peptide linking' y ALANINE         ? 'C3 H7 N O2'     89.093  
ARG 'L-peptide linking' y ARGININE        ? 'C6 H15 N4 O2 1' 175.209 
ASN 'L-peptide linking' y ASPARAGINE      ? 'C4 H8 N2 O3'    132.118 
ASP 'L-peptide linking' y 'ASPARTIC ACID' ? 'C4 H7 N O4'     133.103 
CYS 'L-peptide linking' y CYSTEINE        ? 'C3 H7 N O2 S'   121.158 
GLN 'L-peptide linking' y GLUTAMINE       ? 'C5 H10 N2 O3'   146.144 
GLU 'L-peptide linking' y 'GLUTAMIC ACID' ? 'C5 H9 N O4'     147.129 
GLY 'peptide linking'   y GLYCINE         ? 'C2 H5 N O2'     75.067  
ILE 'L-peptide linking' y ISOLEUCINE      ? 'C6 H13 N O2'    131.173 
LEU 'L-peptide linking' y LEUCINE         ? 'C6 H13 N O2'    131.173 
LYS 'L-peptide linking' y LYSINE          ? 'C6 H15 N2 O2 1' 147.195 
MET 'L-peptide linking' y METHIONINE      ? 'C5 H11 N O2 S'  149.211 
PHE 'L-peptide linking' y PHENYLALANINE   ? 'C9 H11 N O2'    165.189 
PRO 'L-peptide linking' y PROLINE         ? 'C5 H9 N O2'     115.130 
SER 'L-peptide linking' y SERINE          ? 'C3 H7 N O3'     105.093 
THR 'L-peptide linking' y THREONINE       ? 'C4 H9 N O3'     119.119 
TRP 'L-peptide linking' y TRYPTOPHAN      ? 'C11 H12 N2 O2'  204.225 
TYR 'L-peptide linking' y TYROSINE        ? 'C9 H11 N O3'    181.189 
VAL 'L-peptide linking' y VALINE          ? 'C5 H11 N O2'    117.146 
# 
loop_
_pdbx_poly_seq_scheme.asym_id 
_pdbx_poly_seq_scheme.entity_id 
_pdbx_poly_seq_scheme.seq_id 
_pdbx_poly_seq_scheme.mon_id 
_pdbx_poly_seq_scheme.ndb_seq_num 
_pdbx_poly_seq_scheme.pdb_seq_num 
_pdbx_poly_seq_scheme.auth_seq_num 
_pdbx_poly_seq_scheme.pdb_mon_id 
_pdbx_poly_seq_scheme.auth_mon_id 
_pdbx_poly_seq_scheme.pdb_strand_id 
_pdbx_poly_seq_scheme.pdb_ins_code 
_pdbx_poly_seq_scheme.hetero 
A 1 1   MET 1   1   1   MET MET A . n 
A 1 2   SER 2   2   2   SER SER A . n 
A 1 3   ASN 3   3   3   ASN ASN A . n 
A 1 4   THR 4   4   4   THR THR A . n 
A 1 5   LEU 5   5   5   LEU LEU A . n 
A 1 6   PHE 6   6   6   PHE PHE A . n 
A 1 7   ASP 7   7   7   ASP ASP A . n 
A 1 8   ASP 8   8   8   ASP ASP A . n 
A 1 9   ILE 9   9   9   ILE ILE A . n 
A 1 10  PHE 10  10  10  PHE PHE A . n 
A 1 11  GLN 11  11  11  GLN GLN A . n 
A 1 12  VAL 12  12  12  VAL VAL A . n 
A 1 13  SER 13  13  13  SER SER A . n 
A 1 14  GLU 14  14  14  GLU GLU A . n 
A 1 15  VAL 15  15  15  VAL VAL A . n 
A 1 16  ASP 16  16  16  ASP ASP A . n 
A 1 17  PRO 17  17  17  PRO PRO A . n 
A 1 18  GLY 18  18  18  GLY GLY A . n 
A 1 19  ARG 19  19  19  ARG ARG A . n 
A 1 20  TYR 20  20  20  TYR TYR A . n 
A 1 21  ASN 21  21  21  ASN ASN A . n 
A 1 22  LYS 22  22  22  LYS LYS A . n 
A 1 23  VAL 23  23  23  VAL VAL A . n 
A 1 24  CYS 24  24  24  CYS CYS A . n 
A 1 25  ARG 25  25  25  ARG ARG A . n 
A 1 26  ILE 26  26  26  ILE ILE A . n 
A 1 27  GLU 27  27  27  GLU GLU A . n 
A 1 28  ALA 28  28  28  ALA ALA A . n 
A 1 29  ALA 29  29  29  ALA ALA A . n 
A 1 30  SER 30  30  30  SER SER A . n 
A 1 31  THR 31  31  31  THR THR A . n 
A 1 32  THR 32  32  32  THR THR A . n 
A 1 33  GLN 33  33  33  GLN GLN A . n 
A 1 34  ASP 34  34  34  ASP ASP A . n 
A 1 35  GLN 35  35  35  GLN GLN A . n 
A 1 36  CYS 36  36  36  CYS CYS A . n 
A 1 37  LYS 37  37  37  LYS LYS A . n 
A 1 38  LEU 38  38  38  LEU LEU A . n 
A 1 39  THR 39  39  39  THR THR A . n 
A 1 40  LEU 40  40  40  LEU LEU A . n 
A 1 41  ASP 41  41  41  ASP ASP A . n 
A 1 42  ILE 42  42  42  ILE ILE A . n 
A 1 43  ASN 43  43  43  ASN ASN A . n 
A 1 44  VAL 44  44  44  VAL VAL A . n 
A 1 45  GLU 45  45  45  GLU GLU A . n 
A 1 46  LEU 46  46  46  LEU LEU A . n 
A 1 47  PHE 47  47  47  PHE PHE A . n 
A 1 48  PRO 48  48  48  PRO PRO A . n 
A 1 49  VAL 49  49  49  VAL VAL A . n 
A 1 50  ALA 50  50  50  ALA ALA A . n 
A 1 51  ALA 51  51  51  ALA ALA A . n 
A 1 52  GLN 52  52  52  GLN GLN A . n 
A 1 53  ASP 53  53  53  ASP ASP A . n 
A 1 54  SER 54  54  54  SER SER A . n 
A 1 55  LEU 55  55  55  LEU LEU A . n 
A 1 56  THR 56  56  56  THR THR A . n 
A 1 57  VAL 57  57  57  VAL VAL A . n 
A 1 58  THR 58  58  58  THR THR A . n 
A 1 59  ILE 59  59  59  ILE ILE A . n 
A 1 60  ALA 60  60  60  ALA ALA A . n 
A 1 61  SER 61  61  61  SER SER A . n 
A 1 62  SER 62  62  62  SER SER A . n 
A 1 63  LEU 63  63  63  LEU LEU A . n 
A 1 64  ASN 64  64  64  ASN ASN A . n 
A 1 65  LEU 65  65  65  LEU LEU A . n 
A 1 66  GLU 66  66  66  GLU GLU A . n 
A 1 67  ASP 67  67  67  ASP ASP A . n 
A 1 68  THR 68  68  68  THR THR A . n 
A 1 69  PRO 69  69  69  PRO PRO A . n 
A 1 70  ALA 70  70  70  ALA ALA A . n 
A 1 71  ASN 71  71  71  ASN ASN A . n 
A 1 72  ASP 72  72  72  ASP ASP A . n 
A 1 73  SER 73  73  73  SER SER A . n 
A 1 74  SER 74  74  74  SER SER A . n 
A 1 75  ALA 75  75  75  ALA ALA A . n 
A 1 76  THR 76  76  76  THR THR A . n 
A 1 77  ARG 77  77  77  ARG ARG A . n 
A 1 78  SER 78  78  78  SER SER A . n 
A 1 79  TRP 79  79  79  TRP TRP A . n 
A 1 80  ARG 80  80  80  ARG ARG A . n 
A 1 81  PRO 81  81  81  PRO PRO A . n 
A 1 82  PRO 82  82  82  PRO PRO A . n 
A 1 83  GLN 83  83  83  GLN GLN A . n 
A 1 84  ALA 84  84  84  ALA ALA A . n 
A 1 85  GLY 85  85  85  GLY GLY A . n 
A 1 86  ASP 86  86  86  ASP ASP A . n 
A 1 87  ARG 87  87  87  ARG ARG A . n 
A 1 88  SER 88  88  88  SER SER A . n 
A 1 89  LEU 89  89  89  LEU LEU A . n 
A 1 90  ALA 90  90  90  ALA ALA A . n 
A 1 91  ASP 91  91  91  ASP ASP A . n 
A 1 92  ASP 92  92  92  ASP ASP A . n 
A 1 93  TYR 93  93  93  TYR TYR A . n 
A 1 94  ASP 94  94  94  ASP ASP A . n 
A 1 95  TYR 95  95  95  TYR TYR A . n 
A 1 96  VAL 96  96  96  VAL VAL A . n 
A 1 97  MET 97  97  97  MET MET A . n 
A 1 98  TYR 98  98  98  TYR TYR A . n 
A 1 99  GLY 99  99  99  GLY GLY A . n 
A 1 100 THR 100 100 100 THR THR A . n 
A 1 101 ALA 101 101 101 ALA ALA A . n 
A 1 102 TYR 102 102 102 TYR TYR A . n 
A 1 103 LYS 103 103 103 LYS LYS A . n 
A 1 104 PHE 104 104 104 PHE PHE A . n 
A 1 105 GLU 105 105 105 GLU GLU A . n 
A 1 106 GLU 106 106 106 GLU GLU A . n 
A 1 107 VAL 107 107 107 VAL VAL A . n 
A 1 108 SER 108 108 108 SER SER A . n 
A 1 109 LYS 109 109 109 LYS LYS A . n 
A 1 110 ASP 110 110 110 ASP ASP A . n 
A 1 111 LEU 111 111 111 LEU LEU A . n 
A 1 112 ILE 112 112 112 ILE ILE A . n 
A 1 113 ALA 113 113 113 ALA ALA A . n 
A 1 114 VAL 114 114 114 VAL VAL A . n 
A 1 115 TYR 115 115 115 TYR TYR A . n 
A 1 116 TYR 116 116 116 TYR TYR A . n 
A 1 117 SER 117 117 117 SER SER A . n 
A 1 118 PHE 118 118 118 PHE PHE A . n 
A 1 119 GLY 119 119 119 GLY GLY A . n 
A 1 120 GLY 120 120 120 GLY GLY A . n 
A 1 121 LEU 121 121 121 LEU LEU A . n 
A 1 122 LEU 122 122 122 LEU LEU A . n 
A 1 123 MET 123 123 123 MET MET A . n 
A 1 124 ARG 124 124 124 ARG ARG A . n 
A 1 125 LEU 125 125 125 LEU LEU A . n 
A 1 126 GLU 126 126 126 GLU GLU A . n 
A 1 127 GLY 127 127 127 GLY GLY A . n 
A 1 128 ASN 128 128 128 ASN ASN A . n 
A 1 129 TYR 129 129 129 TYR TYR A . n 
A 1 130 ARG 130 130 130 ARG ARG A . n 
A 1 131 ASN 131 131 131 ASN ASN A . n 
A 1 132 LEU 132 132 132 LEU LEU A . n 
A 1 133 ASN 133 133 133 ASN ASN A . n 
A 1 134 ASN 134 134 134 ASN ASN A . n 
A 1 135 LEU 135 135 135 LEU LEU A . n 
A 1 136 LYS 136 136 136 LYS LYS A . n 
A 1 137 GLN 137 137 137 GLN GLN A . n 
A 1 138 GLU 138 138 138 GLU GLU A . n 
A 1 139 ASN 139 139 139 ASN ASN A . n 
A 1 140 ALA 140 140 140 ALA ALA A . n 
A 1 141 TYR 141 141 141 TYR TYR A . n 
A 1 142 LEU 142 142 142 LEU LEU A . n 
A 1 143 LEU 143 143 143 LEU LEU A . n 
A 1 144 ILE 144 144 144 ILE ILE A . n 
A 1 145 ARG 145 145 145 ARG ARG A . n 
A 1 146 ARG 146 146 146 ARG ARG A . n 
# 
loop_
_software.name 
_software.classification 
_software.version 
_software.citation_id 
_software.pdbx_ordinal 
X-PLOR 'model building' . ? 1 
X-PLOR refinement       . ? 2 
X-PLOR phasing          . ? 3 
# 
_cell.entry_id           1A1D 
_cell.length_a           1.000 
_cell.length_b           1.000 
_cell.length_c           1.000 
_cell.angle_alpha        90.00 
_cell.angle_beta         90.00 
_cell.angle_gamma        90.00 
_cell.Z_PDB              1 
_cell.pdbx_unique_axis   ? 
# 
_symmetry.entry_id                         1A1D 
_symmetry.space_group_name_H-M             'P 1' 
_symmetry.pdbx_full_space_group_name_H-M   ? 
_symmetry.cell_setting                     ? 
_symmetry.Int_Tables_number                1 
# 
_exptl.entry_id          1A1D 
_exptl.method            'SOLUTION NMR' 
_exptl.crystals_number   ? 
# 
_struct.entry_id                  1A1D 
_struct.title                     'YEAST RNA POLYMERASE SUBUNIT RPB8, NMR, MINIMIZED AVERAGE STRUCTURE, ALPHA CARBONS ONLY' 
_struct.pdbx_model_details        ? 
_struct.pdbx_CASP_flag            ? 
_struct.pdbx_model_type_details   ? 
# 
_struct_keywords.entry_id        1A1D 
_struct_keywords.pdbx_keywords   NUCLEOTIDYLTRANSFERASE 
_struct_keywords.text            'RPB8, RNA POLYMERASE, OB FOLD, EUKARYOTIC, YEAST, NUCLEOTIDYLTRANSFERASE' 
# 
_struct_asym.id                            A 
_struct_asym.pdbx_blank_PDB_chainid_flag   Y 
_struct_asym.pdbx_modified                 N 
_struct_asym.entity_id                     1 
_struct_asym.details                       ? 
# 
_struct_ref.id                         1 
_struct_ref.db_name                    UNP 
_struct_ref.db_code                    RPB8_YEAST 
_struct_ref.entity_id                  1 
_struct_ref.pdbx_db_accession          P20436 
_struct_ref.pdbx_align_begin           1 
_struct_ref.pdbx_seq_one_letter_code   
;MSNTLFDDIFQVSEVDPGRYNKVCRIEAASTTQDQCKLTLDINVELFPVAAQDSLTVTIASSLNLEDTPANDSSATRSWR
PPQAGDRSLADDYDYVMYGTAYKFEEVSKDLIAVYYSFGGLLMRLEGNYRNLNNLKQENAYLLIRR
;
_struct_ref.pdbx_db_isoform            ? 
# 
_struct_ref_seq.align_id                      1 
_struct_ref_seq.ref_id                        1 
_struct_ref_seq.pdbx_PDB_id_code              1A1D 
_struct_ref_seq.pdbx_strand_id                A 
_struct_ref_seq.seq_align_beg                 1 
_struct_ref_seq.pdbx_seq_align_beg_ins_code   ? 
_struct_ref_seq.seq_align_end                 146 
_struct_ref_seq.pdbx_seq_align_end_ins_code   ? 
_struct_ref_seq.pdbx_db_accession             P20436 
_struct_ref_seq.db_align_beg                  1 
_struct_ref_seq.pdbx_db_align_beg_ins_code    ? 
_struct_ref_seq.db_align_end                  146 
_struct_ref_seq.pdbx_db_align_end_ins_code    ? 
_struct_ref_seq.pdbx_auth_seq_align_beg       1 
_struct_ref_seq.pdbx_auth_seq_align_end       146 
# 
_pdbx_struct_assembly.id                   1 
_pdbx_struct_assembly.details              author_defined_assembly 
_pdbx_struct_assembly.method_details       ? 
_pdbx_struct_assembly.oligomeric_details   monomeric 
_pdbx_struct_assembly.oligomeric_count     1 
# 
_pdbx_struct_assembly_gen.assembly_id       1 
_pdbx_struct_assembly_gen.oper_expression   1 
_pdbx_struct_assembly_gen.asym_id_list      A 
# 
_pdbx_struct_oper_list.id                   1 
_pdbx_struct_oper_list.type                 'identity operation' 
_pdbx_struct_oper_list.name                 1_555 
_pdbx_struct_oper_list.symmetry_operation   x,y,z 
_pdbx_struct_oper_list.matrix[1][1]         1.0000000000 
_pdbx_struct_oper_list.matrix[1][2]         0.0000000000 
_pdbx_struct_oper_list.matrix[1][3]         0.0000000000 
_pdbx_struct_oper_list.vector[1]            0.0000000000 
_pdbx_struct_oper_list.matrix[2][1]         0.0000000000 
_pdbx_struct_oper_list.matrix[2][2]         1.0000000000 
_pdbx_struct_oper_list.matrix[2][3]         0.0000000000 
_pdbx_struct_oper_list.vector[2]            0.0000000000 
_pdbx_struct_oper_list.matrix[3][1]         0.0000000000 
_pdbx_struct_oper_list.matrix[3][2]         0.0000000000 
_pdbx_struct_oper_list.matrix[3][3]         1.0000000000 
_pdbx_struct_oper_list.vector[3]            0.0000000000 
# 
_struct_biol.id   1 
# 
loop_
_struct_conf.conf_type_id 
_struct_conf.id 
_struct_conf.pdbx_PDB_helix_id 
_struct_conf.beg_label_comp_id 
_struct_conf.beg_label_asym_id 
_struct_conf.beg_label_seq_id 
_struct_conf.pdbx_beg_PDB_ins_code 
_struct_conf.end_label_comp_id 
_struct_conf.end_label_asym_id 
_struct_conf.end_label_seq_id 
_struct_conf.pdbx_end_PDB_ins_code 
_struct_conf.beg_auth_comp_id 
_struct_conf.beg_auth_asym_id 
_struct_conf.beg_auth_seq_id 
_struct_conf.end_auth_comp_id 
_struct_conf.end_auth_asym_id 
_struct_conf.end_auth_seq_id 
_struct_conf.pdbx_PDB_helix_class 
_struct_conf.details 
_struct_conf.pdbx_PDB_helix_length 
HELX_P HELX_P1 1 LEU A 63  ? LEU A 65  ? LEU A 63  LEU A 65  5 ? 3 
HELX_P HELX_P2 2 ALA A 90  ? TYR A 93  ? ALA A 90  TYR A 93  1 ? 4 
HELX_P HELX_P3 3 ARG A 130 ? LEU A 132 ? ARG A 130 LEU A 132 5 ? 3 
# 
_struct_conf_type.id          HELX_P 
_struct_conf_type.criteria    ? 
_struct_conf_type.reference   ? 
# 
loop_
_struct_sheet.id 
_struct_sheet.type 
_struct_sheet.number_strands 
_struct_sheet.details 
A ? 4 ? 
B ? 4 ? 
# 
loop_
_struct_sheet_order.sheet_id 
_struct_sheet_order.range_id_1 
_struct_sheet_order.range_id_2 
_struct_sheet_order.offset 
_struct_sheet_order.sense 
A 1 2 ? anti-parallel 
A 2 3 ? anti-parallel 
A 3 4 ? anti-parallel 
B 1 2 ? anti-parallel 
B 2 3 ? anti-parallel 
B 3 4 ? anti-parallel 
# 
loop_
_struct_sheet_range.sheet_id 
_struct_sheet_range.id 
_struct_sheet_range.beg_label_comp_id 
_struct_sheet_range.beg_label_asym_id 
_struct_sheet_range.beg_label_seq_id 
_struct_sheet_range.pdbx_beg_PDB_ins_code 
_struct_sheet_range.end_label_comp_id 
_struct_sheet_range.end_label_asym_id 
_struct_sheet_range.end_label_seq_id 
_struct_sheet_range.pdbx_end_PDB_ins_code 
_struct_sheet_range.beg_auth_comp_id 
_struct_sheet_range.beg_auth_asym_id 
_struct_sheet_range.beg_auth_seq_id 
_struct_sheet_range.end_auth_comp_id 
_struct_sheet_range.end_auth_asym_id 
_struct_sheet_range.end_auth_seq_id 
A 1 ASP A 7   ? PHE A 10  ? ASP A 7   PHE A 10  
A 2 LEU A 55  ? THR A 58  ? LEU A 55  THR A 58  
A 3 TYR A 141 ? ILE A 144 ? TYR A 141 ILE A 144 
A 4 TYR A 95  ? TYR A 98  ? TYR A 95  TYR A 98  
B 1 CYS A 24  ? ALA A 29  ? CYS A 24  ALA A 29  
B 2 LYS A 37  ? ILE A 42  ? LYS A 37  ILE A 42  
B 3 LEU A 122 ? GLY A 127 ? LEU A 122 GLY A 127 
B 4 ILE A 112 ? SER A 117 ? ILE A 112 SER A 117 
# 
_pdbx_nmr_ensemble.entry_id                             1A1D 
_pdbx_nmr_ensemble.conformers_calculated_total_number   50 
_pdbx_nmr_ensemble.conformers_submitted_total_number    1 
_pdbx_nmr_ensemble.conformer_selection_criteria         ? 
# 
_pdbx_nmr_sample_details.solution_id   1 
_pdbx_nmr_sample_details.contents      D2O 
# 
_pdbx_nmr_exptl_sample_conditions.conditions_id       1 
_pdbx_nmr_exptl_sample_conditions.temperature         298 
_pdbx_nmr_exptl_sample_conditions.pressure            ? 
_pdbx_nmr_exptl_sample_conditions.pH                  6.3 
_pdbx_nmr_exptl_sample_conditions.ionic_strength      ? 
_pdbx_nmr_exptl_sample_conditions.pressure_units      . 
_pdbx_nmr_exptl_sample_conditions.temperature_units   K 
# 
_pdbx_nmr_refine.entry_id           1A1D 
_pdbx_nmr_refine.method             'simulated annealing' 
_pdbx_nmr_refine.details            ? 
_pdbx_nmr_refine.software_ordinal   1 
# 
_pdbx_nmr_software.classification   refinement 
_pdbx_nmr_software.name             X-PLOR 
_pdbx_nmr_software.version          ? 
_pdbx_nmr_software.authors          BRUNGER 
_pdbx_nmr_software.ordinal          1 
# 
loop_
_chem_comp_atom.comp_id 
_chem_comp_atom.atom_id 
_chem_comp_atom.type_symbol 
_chem_comp_atom.pdbx_aromatic_flag 
_chem_comp_atom.pdbx_stereo_config 
_chem_comp_atom.pdbx_ordinal 
ALA N    N N N 1   
ALA CA   C N S 2   
ALA C    C N N 3   
ALA O    O N N 4   
ALA CB   C N N 5   
ALA OXT  O N N 6   
ALA H    H N N 7   
ALA H2   H N N 8   
ALA HA   H N N 9   
ALA HB1  H N N 10  
ALA HB2  H N N 11  
ALA HB3  H N N 12  
ALA HXT  H N N 13  
ARG N    N N N 14  
ARG CA   C N S 15  
ARG C    C N N 16  
ARG O    O N N 17  
ARG CB   C N N 18  
ARG CG   C N N 19  
ARG CD   C N N 20  
ARG NE   N N N 21  
ARG CZ   C N N 22  
ARG NH1  N N N 23  
ARG NH2  N N N 24  
ARG OXT  O N N 25  
ARG H    H N N 26  
ARG H2   H N N 27  
ARG HA   H N N 28  
ARG HB2  H N N 29  
ARG HB3  H N N 30  
ARG HG2  H N N 31  
ARG HG3  H N N 32  
ARG HD2  H N N 33  
ARG HD3  H N N 34  
ARG HE   H N N 35  
ARG HH11 H N N 36  
ARG HH12 H N N 37  
ARG HH21 H N N 38  
ARG HH22 H N N 39  
ARG HXT  H N N 40  
ASN N    N N N 41  
ASN CA   C N S 42  
ASN C    C N N 43  
ASN O    O N N 44  
ASN CB   C N N 45  
ASN CG   C N N 46  
ASN OD1  O N N 47  
ASN ND2  N N N 48  
ASN OXT  O N N 49  
ASN H    H N N 50  
ASN H2   H N N 51  
ASN HA   H N N 52  
ASN HB2  H N N 53  
ASN HB3  H N N 54  
ASN HD21 H N N 55  
ASN HD22 H N N 56  
ASN HXT  H N N 57  
ASP N    N N N 58  
ASP CA   C N S 59  
ASP C    C N N 60  
ASP O    O N N 61  
ASP CB   C N N 62  
ASP CG   C N N 63  
ASP OD1  O N N 64  
ASP OD2  O N N 65  
ASP OXT  O N N 66  
ASP H    H N N 67  
ASP H2   H N N 68  
ASP HA   H N N 69  
ASP HB2  H N N 70  
ASP HB3  H N N 71  
ASP HD2  H N N 72  
ASP HXT  H N N 73  
CYS N    N N N 74  
CYS CA   C N R 75  
CYS C    C N N 76  
CYS O    O N N 77  
CYS CB   C N N 78  
CYS SG   S N N 79  
CYS OXT  O N N 80  
CYS H    H N N 81  
CYS H2   H N N 82  
CYS HA   H N N 83  
CYS HB2  H N N 84  
CYS HB3  H N N 85  
CYS HG   H N N 86  
CYS HXT  H N N 87  
GLN N    N N N 88  
GLN CA   C N S 89  
GLN C    C N N 90  
GLN O    O N N 91  
GLN CB   C N N 92  
GLN CG   C N N 93  
GLN CD   C N N 94  
GLN OE1  O N N 95  
GLN NE2  N N N 96  
GLN OXT  O N N 97  
GLN H    H N N 98  
GLN H2   H N N 99  
GLN HA   H N N 100 
GLN HB2  H N N 101 
GLN HB3  H N N 102 
GLN HG2  H N N 103 
GLN HG3  H N N 104 
GLN HE21 H N N 105 
GLN HE22 H N N 106 
GLN HXT  H N N 107 
GLU N    N N N 108 
GLU CA   C N S 109 
GLU C    C N N 110 
GLU O    O N N 111 
GLU CB   C N N 112 
GLU CG   C N N 113 
GLU CD   C N N 114 
GLU OE1  O N N 115 
GLU OE2  O N N 116 
GLU OXT  O N N 117 
GLU H    H N N 118 
GLU H2   H N N 119 
GLU HA   H N N 120 
GLU HB2  H N N 121 
GLU HB3  H N N 122 
GLU HG2  H N N 123 
GLU HG3  H N N 124 
GLU HE2  H N N 125 
GLU HXT  H N N 126 
GLY N    N N N 127 
GLY CA   C N N 128 
GLY C    C N N 129 
GLY O    O N N 130 
GLY OXT  O N N 131 
GLY H    H N N 132 
GLY H2   H N N 133 
GLY HA2  H N N 134 
GLY HA3  H N N 135 
GLY HXT  H N N 136 
ILE N    N N N 137 
ILE CA   C N S 138 
ILE C    C N N 139 
ILE O    O N N 140 
ILE CB   C N S 141 
ILE CG1  C N N 142 
ILE CG2  C N N 143 
ILE CD1  C N N 144 
ILE OXT  O N N 145 
ILE H    H N N 146 
ILE H2   H N N 147 
ILE HA   H N N 148 
ILE HB   H N N 149 
ILE HG12 H N N 150 
ILE HG13 H N N 151 
ILE HG21 H N N 152 
ILE HG22 H N N 153 
ILE HG23 H N N 154 
ILE HD11 H N N 155 
ILE HD12 H N N 156 
ILE HD13 H N N 157 
ILE HXT  H N N 158 
LEU N    N N N 159 
LEU CA   C N S 160 
LEU C    C N N 161 
LEU O    O N N 162 
LEU CB   C N N 163 
LEU CG   C N N 164 
LEU CD1  C N N 165 
LEU CD2  C N N 166 
LEU OXT  O N N 167 
LEU H    H N N 168 
LEU H2   H N N 169 
LEU HA   H N N 170 
LEU HB2  H N N 171 
LEU HB3  H N N 172 
LEU HG   H N N 173 
LEU HD11 H N N 174 
LEU HD12 H N N 175 
LEU HD13 H N N 176 
LEU HD21 H N N 177 
LEU HD22 H N N 178 
LEU HD23 H N N 179 
LEU HXT  H N N 180 
LYS N    N N N 181 
LYS CA   C N S 182 
LYS C    C N N 183 
LYS O    O N N 184 
LYS CB   C N N 185 
LYS CG   C N N 186 
LYS CD   C N N 187 
LYS CE   C N N 188 
LYS NZ   N N N 189 
LYS OXT  O N N 190 
LYS H    H N N 191 
LYS H2   H N N 192 
LYS HA   H N N 193 
LYS HB2  H N N 194 
LYS HB3  H N N 195 
LYS HG2  H N N 196 
LYS HG3  H N N 197 
LYS HD2  H N N 198 
LYS HD3  H N N 199 
LYS HE2  H N N 200 
LYS HE3  H N N 201 
LYS HZ1  H N N 202 
LYS HZ2  H N N 203 
LYS HZ3  H N N 204 
LYS HXT  H N N 205 
MET N    N N N 206 
MET CA   C N S 207 
MET C    C N N 208 
MET O    O N N 209 
MET CB   C N N 210 
MET CG   C N N 211 
MET SD   S N N 212 
MET CE   C N N 213 
MET OXT  O N N 214 
MET H    H N N 215 
MET H2   H N N 216 
MET HA   H N N 217 
MET HB2  H N N 218 
MET HB3  H N N 219 
MET HG2  H N N 220 
MET HG3  H N N 221 
MET HE1  H N N 222 
MET HE2  H N N 223 
MET HE3  H N N 224 
MET HXT  H N N 225 
PHE N    N N N 226 
PHE CA   C N S 227 
PHE C    C N N 228 
PHE O    O N N 229 
PHE CB   C N N 230 
PHE CG   C Y N 231 
PHE CD1  C Y N 232 
PHE CD2  C Y N 233 
PHE CE1  C Y N 234 
PHE CE2  C Y N 235 
PHE CZ   C Y N 236 
PHE OXT  O N N 237 
PHE H    H N N 238 
PHE H2   H N N 239 
PHE HA   H N N 240 
PHE HB2  H N N 241 
PHE HB3  H N N 242 
PHE HD1  H N N 243 
PHE HD2  H N N 244 
PHE HE1  H N N 245 
PHE HE2  H N N 246 
PHE HZ   H N N 247 
PHE HXT  H N N 248 
PRO N    N N N 249 
PRO CA   C N S 250 
PRO C    C N N 251 
PRO O    O N N 252 
PRO CB   C N N 253 
PRO CG   C N N 254 
PRO CD   C N N 255 
PRO OXT  O N N 256 
PRO H    H N N 257 
PRO HA   H N N 258 
PRO HB2  H N N 259 
PRO HB3  H N N 260 
PRO HG2  H N N 261 
PRO HG3  H N N 262 
PRO HD2  H N N 263 
PRO HD3  H N N 264 
PRO HXT  H N N 265 
SER N    N N N 266 
SER CA   C N S 267 
SER C    C N N 268 
SER O    O N N 269 
SER CB   C N N 270 
SER OG   O N N 271 
SER OXT  O N N 272 
SER H    H N N 273 
SER H2   H N N 274 
SER HA   H N N 275 
SER HB2  H N N 276 
SER HB3  H N N 277 
SER HG   H N N 278 
SER HXT  H N N 279 
THR N    N N N 280 
THR CA   C N S 281 
THR C    C N N 282 
THR O    O N N 283 
THR CB   C N R 284 
THR OG1  O N N 285 
THR CG2  C N N 286 
THR OXT  O N N 287 
THR H    H N N 288 
THR H2   H N N 289 
THR HA   H N N 290 
THR HB   H N N 291 
THR HG1  H N N 292 
THR HG21 H N N 293 
THR HG22 H N N 294 
THR HG23 H N N 295 
THR HXT  H N N 296 
TRP N    N N N 297 
TRP CA   C N S 298 
TRP C    C N N 299 
TRP O    O N N 300 
TRP CB   C N N 301 
TRP CG   C Y N 302 
TRP CD1  C Y N 303 
TRP CD2  C Y N 304 
TRP NE1  N Y N 305 
TRP CE2  C Y N 306 
TRP CE3  C Y N 307 
TRP CZ2  C Y N 308 
TRP CZ3  C Y N 309 
TRP CH2  C Y N 310 
TRP OXT  O N N 311 
TRP H    H N N 312 
TRP H2   H N N 313 
TRP HA   H N N 314 
TRP HB2  H N N 315 
TRP HB3  H N N 316 
TRP HD1  H N N 317 
TRP HE1  H N N 318 
TRP HE3  H N N 319 
TRP HZ2  H N N 320 
TRP HZ3  H N N 321 
TRP HH2  H N N 322 
TRP HXT  H N N 323 
TYR N    N N N 324 
TYR CA   C N S 325 
TYR C    C N N 326 
TYR O    O N N 327 
TYR CB   C N N 328 
TYR CG   C Y N 329 
TYR CD1  C Y N 330 
TYR CD2  C Y N 331 
TYR CE1  C Y N 332 
TYR CE2  C Y N 333 
TYR CZ   C Y N 334 
TYR OH   O N N 335 
TYR OXT  O N N 336 
TYR H    H N N 337 
TYR H2   H N N 338 
TYR HA   H N N 339 
TYR HB2  H N N 340 
TYR HB3  H N N 341 
TYR HD1  H N N 342 
TYR HD2  H N N 343 
TYR HE1  H N N 344 
TYR HE2  H N N 345 
TYR HH   H N N 346 
TYR HXT  H N N 347 
VAL N    N N N 348 
VAL CA   C N S 349 
VAL C    C N N 350 
VAL O    O N N 351 
VAL CB   C N N 352 
VAL CG1  C N N 353 
VAL CG2  C N N 354 
VAL OXT  O N N 355 
VAL H    H N N 356 
VAL H2   H N N 357 
VAL HA   H N N 358 
VAL HB   H N N 359 
VAL HG11 H N N 360 
VAL HG12 H N N 361 
VAL HG13 H N N 362 
VAL HG21 H N N 363 
VAL HG22 H N N 364 
VAL HG23 H N N 365 
VAL HXT  H N N 366 
# 
loop_
_chem_comp_bond.comp_id 
_chem_comp_bond.atom_id_1 
_chem_comp_bond.atom_id_2 
_chem_comp_bond.value_order 
_chem_comp_bond.pdbx_aromatic_flag 
_chem_comp_bond.pdbx_stereo_config 
_chem_comp_bond.pdbx_ordinal 
ALA N   CA   sing N N 1   
ALA N   H    sing N N 2   
ALA N   H2   sing N N 3   
ALA CA  C    sing N N 4   
ALA CA  CB   sing N N 5   
ALA CA  HA   sing N N 6   
ALA C   O    doub N N 7   
ALA C   OXT  sing N N 8   
ALA CB  HB1  sing N N 9   
ALA CB  HB2  sing N N 10  
ALA CB  HB3  sing N N 11  
ALA OXT HXT  sing N N 12  
ARG N   CA   sing N N 13  
ARG N   H    sing N N 14  
ARG N   H2   sing N N 15  
ARG CA  C    sing N N 16  
ARG CA  CB   sing N N 17  
ARG CA  HA   sing N N 18  
ARG C   O    doub N N 19  
ARG C   OXT  sing N N 20  
ARG CB  CG   sing N N 21  
ARG CB  HB2  sing N N 22  
ARG CB  HB3  sing N N 23  
ARG CG  CD   sing N N 24  
ARG CG  HG2  sing N N 25  
ARG CG  HG3  sing N N 26  
ARG CD  NE   sing N N 27  
ARG CD  HD2  sing N N 28  
ARG CD  HD3  sing N N 29  
ARG NE  CZ   sing N N 30  
ARG NE  HE   sing N N 31  
ARG CZ  NH1  sing N N 32  
ARG CZ  NH2  doub N N 33  
ARG NH1 HH11 sing N N 34  
ARG NH1 HH12 sing N N 35  
ARG NH2 HH21 sing N N 36  
ARG NH2 HH22 sing N N 37  
ARG OXT HXT  sing N N 38  
ASN N   CA   sing N N 39  
ASN N   H    sing N N 40  
ASN N   H2   sing N N 41  
ASN CA  C    sing N N 42  
ASN CA  CB   sing N N 43  
ASN CA  HA   sing N N 44  
ASN C   O    doub N N 45  
ASN C   OXT  sing N N 46  
ASN CB  CG   sing N N 47  
ASN CB  HB2  sing N N 48  
ASN CB  HB3  sing N N 49  
ASN CG  OD1  doub N N 50  
ASN CG  ND2  sing N N 51  
ASN ND2 HD21 sing N N 52  
ASN ND2 HD22 sing N N 53  
ASN OXT HXT  sing N N 54  
ASP N   CA   sing N N 55  
ASP N   H    sing N N 56  
ASP N   H2   sing N N 57  
ASP CA  C    sing N N 58  
ASP CA  CB   sing N N 59  
ASP CA  HA   sing N N 60  
ASP C   O    doub N N 61  
ASP C   OXT  sing N N 62  
ASP CB  CG   sing N N 63  
ASP CB  HB2  sing N N 64  
ASP CB  HB3  sing N N 65  
ASP CG  OD1  doub N N 66  
ASP CG  OD2  sing N N 67  
ASP OD2 HD2  sing N N 68  
ASP OXT HXT  sing N N 69  
CYS N   CA   sing N N 70  
CYS N   H    sing N N 71  
CYS N   H2   sing N N 72  
CYS CA  C    sing N N 73  
CYS CA  CB   sing N N 74  
CYS CA  HA   sing N N 75  
CYS C   O    doub N N 76  
CYS C   OXT  sing N N 77  
CYS CB  SG   sing N N 78  
CYS CB  HB2  sing N N 79  
CYS CB  HB3  sing N N 80  
CYS SG  HG   sing N N 81  
CYS OXT HXT  sing N N 82  
GLN N   CA   sing N N 83  
GLN N   H    sing N N 84  
GLN N   H2   sing N N 85  
GLN CA  C    sing N N 86  
GLN CA  CB   sing N N 87  
GLN CA  HA   sing N N 88  
GLN C   O    doub N N 89  
GLN C   OXT  sing N N 90  
GLN CB  CG   sing N N 91  
GLN CB  HB2  sing N N 92  
GLN CB  HB3  sing N N 93  
GLN CG  CD   sing N N 94  
GLN CG  HG2  sing N N 95  
GLN CG  HG3  sing N N 96  
GLN CD  OE1  doub N N 97  
GLN CD  NE2  sing N N 98  
GLN NE2 HE21 sing N N 99  
GLN NE2 HE22 sing N N 100 
GLN OXT HXT  sing N N 101 
GLU N   CA   sing N N 102 
GLU N   H    sing N N 103 
GLU N   H2   sing N N 104 
GLU CA  C    sing N N 105 
GLU CA  CB   sing N N 106 
GLU CA  HA   sing N N 107 
GLU C   O    doub N N 108 
GLU C   OXT  sing N N 109 
GLU CB  CG   sing N N 110 
GLU CB  HB2  sing N N 111 
GLU CB  HB3  sing N N 112 
GLU CG  CD   sing N N 113 
GLU CG  HG2  sing N N 114 
GLU CG  HG3  sing N N 115 
GLU CD  OE1  doub N N 116 
GLU CD  OE2  sing N N 117 
GLU OE2 HE2  sing N N 118 
GLU OXT HXT  sing N N 119 
GLY N   CA   sing N N 120 
GLY N   H    sing N N 121 
GLY N   H2   sing N N 122 
GLY CA  C    sing N N 123 
GLY CA  HA2  sing N N 124 
GLY CA  HA3  sing N N 125 
GLY C   O    doub N N 126 
GLY C   OXT  sing N N 127 
GLY OXT HXT  sing N N 128 
ILE N   CA   sing N N 129 
ILE N   H    sing N N 130 
ILE N   H2   sing N N 131 
ILE CA  C    sing N N 132 
ILE CA  CB   sing N N 133 
ILE CA  HA   sing N N 134 
ILE C   O    doub N N 135 
ILE C   OXT  sing N N 136 
ILE CB  CG1  sing N N 137 
ILE CB  CG2  sing N N 138 
ILE CB  HB   sing N N 139 
ILE CG1 CD1  sing N N 140 
ILE CG1 HG12 sing N N 141 
ILE CG1 HG13 sing N N 142 
ILE CG2 HG21 sing N N 143 
ILE CG2 HG22 sing N N 144 
ILE CG2 HG23 sing N N 145 
ILE CD1 HD11 sing N N 146 
ILE CD1 HD12 sing N N 147 
ILE CD1 HD13 sing N N 148 
ILE OXT HXT  sing N N 149 
LEU N   CA   sing N N 150 
LEU N   H    sing N N 151 
LEU N   H2   sing N N 152 
LEU CA  C    sing N N 153 
LEU CA  CB   sing N N 154 
LEU CA  HA   sing N N 155 
LEU C   O    doub N N 156 
LEU C   OXT  sing N N 157 
LEU CB  CG   sing N N 158 
LEU CB  HB2  sing N N 159 
LEU CB  HB3  sing N N 160 
LEU CG  CD1  sing N N 161 
LEU CG  CD2  sing N N 162 
LEU CG  HG   sing N N 163 
LEU CD1 HD11 sing N N 164 
LEU CD1 HD12 sing N N 165 
LEU CD1 HD13 sing N N 166 
LEU CD2 HD21 sing N N 167 
LEU CD2 HD22 sing N N 168 
LEU CD2 HD23 sing N N 169 
LEU OXT HXT  sing N N 170 
LYS N   CA   sing N N 171 
LYS N   H    sing N N 172 
LYS N   H2   sing N N 173 
LYS CA  C    sing N N 174 
LYS CA  CB   sing N N 175 
LYS CA  HA   sing N N 176 
LYS C   O    doub N N 177 
LYS C   OXT  sing N N 178 
LYS CB  CG   sing N N 179 
LYS CB  HB2  sing N N 180 
LYS CB  HB3  sing N N 181 
LYS CG  CD   sing N N 182 
LYS CG  HG2  sing N N 183 
LYS CG  HG3  sing N N 184 
LYS CD  CE   sing N N 185 
LYS CD  HD2  sing N N 186 
LYS CD  HD3  sing N N 187 
LYS CE  NZ   sing N N 188 
LYS CE  HE2  sing N N 189 
LYS CE  HE3  sing N N 190 
LYS NZ  HZ1  sing N N 191 
LYS NZ  HZ2  sing N N 192 
LYS NZ  HZ3  sing N N 193 
LYS OXT HXT  sing N N 194 
MET N   CA   sing N N 195 
MET N   H    sing N N 196 
MET N   H2   sing N N 197 
MET CA  C    sing N N 198 
MET CA  CB   sing N N 199 
MET CA  HA   sing N N 200 
MET C   O    doub N N 201 
MET C   OXT  sing N N 202 
MET CB  CG   sing N N 203 
MET CB  HB2  sing N N 204 
MET CB  HB3  sing N N 205 
MET CG  SD   sing N N 206 
MET CG  HG2  sing N N 207 
MET CG  HG3  sing N N 208 
MET SD  CE   sing N N 209 
MET CE  HE1  sing N N 210 
MET CE  HE2  sing N N 211 
MET CE  HE3  sing N N 212 
MET OXT HXT  sing N N 213 
PHE N   CA   sing N N 214 
PHE N   H    sing N N 215 
PHE N   H2   sing N N 216 
PHE CA  C    sing N N 217 
PHE CA  CB   sing N N 218 
PHE CA  HA   sing N N 219 
PHE C   O    doub N N 220 
PHE C   OXT  sing N N 221 
PHE CB  CG   sing N N 222 
PHE CB  HB2  sing N N 223 
PHE CB  HB3  sing N N 224 
PHE CG  CD1  doub Y N 225 
PHE CG  CD2  sing Y N 226 
PHE CD1 CE1  sing Y N 227 
PHE CD1 HD1  sing N N 228 
PHE CD2 CE2  doub Y N 229 
PHE CD2 HD2  sing N N 230 
PHE CE1 CZ   doub Y N 231 
PHE CE1 HE1  sing N N 232 
PHE CE2 CZ   sing Y N 233 
PHE CE2 HE2  sing N N 234 
PHE CZ  HZ   sing N N 235 
PHE OXT HXT  sing N N 236 
PRO N   CA   sing N N 237 
PRO N   CD   sing N N 238 
PRO N   H    sing N N 239 
PRO CA  C    sing N N 240 
PRO CA  CB   sing N N 241 
PRO CA  HA   sing N N 242 
PRO C   O    doub N N 243 
PRO C   OXT  sing N N 244 
PRO CB  CG   sing N N 245 
PRO CB  HB2  sing N N 246 
PRO CB  HB3  sing N N 247 
PRO CG  CD   sing N N 248 
PRO CG  HG2  sing N N 249 
PRO CG  HG3  sing N N 250 
PRO CD  HD2  sing N N 251 
PRO CD  HD3  sing N N 252 
PRO OXT HXT  sing N N 253 
SER N   CA   sing N N 254 
SER N   H    sing N N 255 
SER N   H2   sing N N 256 
SER CA  C    sing N N 257 
SER CA  CB   sing N N 258 
SER CA  HA   sing N N 259 
SER C   O    doub N N 260 
SER C   OXT  sing N N 261 
SER CB  OG   sing N N 262 
SER CB  HB2  sing N N 263 
SER CB  HB3  sing N N 264 
SER OG  HG   sing N N 265 
SER OXT HXT  sing N N 266 
THR N   CA   sing N N 267 
THR N   H    sing N N 268 
THR N   H2   sing N N 269 
THR CA  C    sing N N 270 
THR CA  CB   sing N N 271 
THR CA  HA   sing N N 272 
THR C   O    doub N N 273 
THR C   OXT  sing N N 274 
THR CB  OG1  sing N N 275 
THR CB  CG2  sing N N 276 
THR CB  HB   sing N N 277 
THR OG1 HG1  sing N N 278 
THR CG2 HG21 sing N N 279 
THR CG2 HG22 sing N N 280 
THR CG2 HG23 sing N N 281 
THR OXT HXT  sing N N 282 
TRP N   CA   sing N N 283 
TRP N   H    sing N N 284 
TRP N   H2   sing N N 285 
TRP CA  C    sing N N 286 
TRP CA  CB   sing N N 287 
TRP CA  HA   sing N N 288 
TRP C   O    doub N N 289 
TRP C   OXT  sing N N 290 
TRP CB  CG   sing N N 291 
TRP CB  HB2  sing N N 292 
TRP CB  HB3  sing N N 293 
TRP CG  CD1  doub Y N 294 
TRP CG  CD2  sing Y N 295 
TRP CD1 NE1  sing Y N 296 
TRP CD1 HD1  sing N N 297 
TRP CD2 CE2  doub Y N 298 
TRP CD2 CE3  sing Y N 299 
TRP NE1 CE2  sing Y N 300 
TRP NE1 HE1  sing N N 301 
TRP CE2 CZ2  sing Y N 302 
TRP CE3 CZ3  doub Y N 303 
TRP CE3 HE3  sing N N 304 
TRP CZ2 CH2  doub Y N 305 
TRP CZ2 HZ2  sing N N 306 
TRP CZ3 CH2  sing Y N 307 
TRP CZ3 HZ3  sing N N 308 
TRP CH2 HH2  sing N N 309 
TRP OXT HXT  sing N N 310 
TYR N   CA   sing N N 311 
TYR N   H    sing N N 312 
TYR N   H2   sing N N 313 
TYR CA  C    sing N N 314 
TYR CA  CB   sing N N 315 
TYR CA  HA   sing N N 316 
TYR C   O    doub N N 317 
TYR C   OXT  sing N N 318 
TYR CB  CG   sing N N 319 
TYR CB  HB2  sing N N 320 
TYR CB  HB3  sing N N 321 
TYR CG  CD1  doub Y N 322 
TYR CG  CD2  sing Y N 323 
TYR CD1 CE1  sing Y N 324 
TYR CD1 HD1  sing N N 325 
TYR CD2 CE2  doub Y N 326 
TYR CD2 HD2  sing N N 327 
TYR CE1 CZ   doub Y N 328 
TYR CE1 HE1  sing N N 329 
TYR CE2 CZ   sing Y N 330 
TYR CE2 HE2  sing N N 331 
TYR CZ  OH   sing N N 332 
TYR OH  HH   sing N N 333 
TYR OXT HXT  sing N N 334 
VAL N   CA   sing N N 335 
VAL N   H    sing N N 336 
VAL N   H2   sing N N 337 
VAL CA  C    sing N N 338 
VAL CA  CB   sing N N 339 
VAL CA  HA   sing N N 340 
VAL C   O    doub N N 341 
VAL C   OXT  sing N N 342 
VAL CB  CG1  sing N N 343 
VAL CB  CG2  sing N N 344 
VAL CB  HB   sing N N 345 
VAL CG1 HG11 sing N N 346 
VAL CG1 HG12 sing N N 347 
VAL CG1 HG13 sing N N 348 
VAL CG2 HG21 sing N N 349 
VAL CG2 HG22 sing N N 350 
VAL CG2 HG23 sing N N 351 
VAL OXT HXT  sing N N 352 
# 
_pdbx_coordinate_model.asym_id   A 
_pdbx_coordinate_model.type      'CA ATOMS ONLY' 
# 
_pdbx_nmr_spectrometer.spectrometer_id   1 
_pdbx_nmr_spectrometer.model             DRX500 
_pdbx_nmr_spectrometer.manufacturer      Bruker 
_pdbx_nmr_spectrometer.field_strength    500 
# 
_atom_sites.entry_id                    1A1D 
_atom_sites.fract_transf_matrix[1][1]   1.000000 
_atom_sites.fract_transf_matrix[1][2]   0.000000 
_atom_sites.fract_transf_matrix[1][3]   0.000000 
_atom_sites.fract_transf_matrix[2][1]   0.000000 
_atom_sites.fract_transf_matrix[2][2]   1.000000 
_atom_sites.fract_transf_matrix[2][3]   0.000000 
_atom_sites.fract_transf_matrix[3][1]   0.000000 
_atom_sites.fract_transf_matrix[3][2]   0.000000 
_atom_sites.fract_transf_matrix[3][3]   1.000000 
_atom_sites.fract_transf_vector[1]      0.00000 
_atom_sites.fract_transf_vector[2]      0.00000 
_atom_sites.fract_transf_vector[3]      0.00000 
# 
_atom_type.symbol   C 
# 
loop_
_atom_site.group_PDB 
_atom_site.id 
_atom_site.type_symbol 
_atom_site.label_atom_id 
_atom_site.label_alt_id 
_atom_site.label_comp_id 
_atom_site.label_asym_id 
_atom_site.label_entity_id 
_atom_site.label_seq_id 
_atom_site.pdbx_PDB_ins_code 
_atom_site.Cartn_x 
_atom_site.Cartn_y 
_atom_site.Cartn_z 
_atom_site.occupancy 
_atom_site.B_iso_or_equiv 
_atom_site.pdbx_formal_charge 
_atom_site.auth_seq_id 
_atom_site.auth_comp_id 
_atom_site.auth_asym_id 
_atom_site.auth_atom_id 
_atom_site.pdbx_PDB_model_num 
ATOM 1   C CA . MET A 1 1   ? -2.962  10.634  17.886  1.00 7.92 ? 1   MET A CA 1 
ATOM 2   C CA . SER A 1 2   ? -4.948  7.910   16.086  1.00 5.45 ? 2   SER A CA 1 
ATOM 3   C CA . ASN A 1 3   ? -2.220  8.096   13.414  1.00 4.14 ? 3   ASN A CA 1 
ATOM 4   C CA . THR A 1 4   ? -0.975  4.519   13.921  1.00 2.87 ? 4   THR A CA 1 
ATOM 5   C CA . LEU A 1 5   ? -2.306  3.120   10.624  1.00 2.21 ? 5   LEU A CA 1 
ATOM 6   C CA . PHE A 1 6   ? 0.502   1.525   8.552   1.00 1.63 ? 6   PHE A CA 1 
ATOM 7   C CA . ASP A 1 7   ? 2.671   3.715   6.292   1.00 1.80 ? 7   ASP A CA 1 
ATOM 8   C CA . ASP A 1 8   ? 6.077   2.276   5.336   1.00 1.68 ? 8   ASP A CA 1 
ATOM 9   C CA . ILE A 1 9   ? 8.195   2.787   2.199   1.00 1.58 ? 9   ILE A CA 1 
ATOM 10  C CA . PHE A 1 10  ? 9.603   -0.464  0.764   1.00 1.23 ? 10  PHE A CA 1 
ATOM 11  C CA . GLN A 1 11  ? 12.701  -0.593  -1.464  1.00 1.34 ? 11  GLN A CA 1 
ATOM 12  C CA . VAL A 1 12  ? 13.543  -3.957  -2.997  1.00 1.96 ? 12  VAL A CA 1 
ATOM 13  C CA . SER A 1 13  ? 13.608  -6.258  -6.033  1.00 1.27 ? 13  SER A CA 1 
ATOM 14  C CA . GLU A 1 14  ? 10.217  -8.026  -6.304  1.00 1.90 ? 14  GLU A CA 1 
ATOM 15  C CA . VAL A 1 15  ? 10.113  -10.879 -8.812  1.00 2.18 ? 15  VAL A CA 1 
ATOM 16  C CA . ASP A 1 16  ? 8.116   -14.051 -9.581  1.00 2.71 ? 16  ASP A CA 1 
ATOM 17  C CA . PRO A 1 17  ? 9.738   -17.197 -11.017 1.00 4.34 ? 17  PRO A CA 1 
ATOM 18  C CA . GLY A 1 18  ? 6.357   -18.473 -12.268 1.00 4.61 ? 18  GLY A CA 1 
ATOM 19  C CA . ARG A 1 19  ? 5.926   -16.777 -15.668 1.00 5.43 ? 19  ARG A CA 1 
ATOM 20  C CA . TYR A 1 20  ? 5.187   -20.273 -17.035 1.00 5.00 ? 20  TYR A CA 1 
ATOM 21  C CA . ASN A 1 21  ? 1.551   -19.115 -16.838 1.00 4.47 ? 21  ASN A CA 1 
ATOM 22  C CA . LYS A 1 22  ? 1.215   -15.337 -16.421 1.00 3.46 ? 22  LYS A CA 1 
ATOM 23  C CA . VAL A 1 23  ? 0.592   -14.644 -12.712 1.00 2.48 ? 23  VAL A CA 1 
ATOM 24  C CA . CYS A 1 24  ? 2.949   -12.020 -11.233 1.00 2.04 ? 24  CYS A CA 1 
ATOM 25  C CA . ARG A 1 25  ? 4.419   -11.769 -7.719  1.00 1.76 ? 25  ARG A CA 1 
ATOM 26  C CA . ILE A 1 26  ? 5.783   -8.595  -6.109  1.00 1.72 ? 26  ILE A CA 1 
ATOM 27  C CA . GLU A 1 27  ? 7.853   -9.713  -3.096  1.00 1.18 ? 27  GLU A CA 1 
ATOM 28  C CA . ALA A 1 28  ? 9.563   -6.763  -1.394  1.00 0.95 ? 28  ALA A CA 1 
ATOM 29  C CA . ALA A 1 29  ? 11.602  -6.692  1.823   1.00 0.99 ? 29  ALA A CA 1 
ATOM 30  C CA . SER A 1 30  ? 11.122  -3.745  4.209   1.00 1.93 ? 30  SER A CA 1 
ATOM 31  C CA . THR A 1 31  ? 14.324  -1.988  5.264   1.00 1.85 ? 31  THR A CA 1 
ATOM 32  C CA . THR A 1 32  ? 14.734  1.280   7.214   1.00 3.08 ? 32  THR A CA 1 
ATOM 33  C CA . GLN A 1 33  ? 15.910  -1.069  10.037  1.00 3.67 ? 33  GLN A CA 1 
ATOM 34  C CA . ASP A 1 34  ? 14.942  -4.591  8.863   1.00 2.69 ? 34  ASP A CA 1 
ATOM 35  C CA . GLN A 1 35  ? 11.771  -6.083  10.384  1.00 1.85 ? 35  GLN A CA 1 
ATOM 36  C CA . CYS A 1 36  ? 8.854   -5.553  7.959   1.00 1.36 ? 36  CYS A CA 1 
ATOM 37  C CA . LYS A 1 37  ? 8.057   -7.777  4.942   1.00 0.95 ? 37  LYS A CA 1 
ATOM 38  C CA . LEU A 1 38  ? 5.499   -7.167  2.165   1.00 0.64 ? 38  LEU A CA 1 
ATOM 39  C CA . THR A 1 39  ? 4.679   -8.685  -1.202  1.00 0.88 ? 39  THR A CA 1 
ATOM 40  C CA . LEU A 1 40  ? 1.929   -8.681  -3.862  1.00 1.36 ? 40  LEU A CA 1 
ATOM 41  C CA . ASP A 1 41  ? 0.916   -11.803 -5.827  1.00 1.78 ? 41  ASP A CA 1 
ATOM 42  C CA . ILE A 1 42  ? -1.085  -10.465 -8.793  1.00 2.03 ? 42  ILE A CA 1 
ATOM 43  C CA . ASN A 1 43  ? -1.023  -10.109 -12.596 1.00 2.22 ? 43  ASN A CA 1 
ATOM 44  C CA . VAL A 1 44  ? -2.665  -6.757  -13.401 1.00 3.05 ? 44  VAL A CA 1 
ATOM 45  C CA . GLU A 1 45  ? 0.576   -4.828  -13.969 1.00 3.51 ? 45  GLU A CA 1 
ATOM 46  C CA . LEU A 1 46  ? 3.975   -6.473  -14.007 1.00 3.51 ? 46  LEU A CA 1 
ATOM 47  C CA . PHE A 1 47  ? 5.375   -2.960  -13.460 1.00 2.51 ? 47  PHE A CA 1 
ATOM 48  C CA . PRO A 1 48  ? 8.809   -3.754  -14.926 1.00 3.15 ? 48  PRO A CA 1 
ATOM 49  C CA . VAL A 1 49  ? 9.642   -0.023  -15.030 1.00 2.36 ? 49  VAL A CA 1 
ATOM 50  C CA . ALA A 1 50  ? 11.548  -0.166  -11.718 1.00 2.44 ? 50  ALA A CA 1 
ATOM 51  C CA . ALA A 1 51  ? 9.108   1.133   -9.059  1.00 2.72 ? 51  ALA A CA 1 
ATOM 52  C CA . GLN A 1 52  ? 9.812   -2.251  -7.441  1.00 2.11 ? 52  GLN A CA 1 
ATOM 53  C CA . ASP A 1 53  ? 13.248  -0.905  -6.487  1.00 1.44 ? 53  ASP A CA 1 
ATOM 54  C CA . SER A 1 54  ? 11.537  1.690   -4.273  1.00 1.34 ? 54  SER A CA 1 
ATOM 55  C CA . LEU A 1 55  ? 7.847   0.913   -3.774  1.00 1.28 ? 55  LEU A CA 1 
ATOM 56  C CA . THR A 1 56  ? 5.769   2.232   -0.849  1.00 1.43 ? 56  THR A CA 1 
ATOM 57  C CA . VAL A 1 57  ? 2.539   1.032   0.801   1.00 1.35 ? 57  VAL A CA 1 
ATOM 58  C CA . THR A 1 58  ? 0.157   2.832   3.188   1.00 1.66 ? 58  THR A CA 1 
ATOM 59  C CA . ILE A 1 59  ? -2.889  1.343   4.948   1.00 1.66 ? 59  ILE A CA 1 
ATOM 60  C CA . ALA A 1 60  ? -4.503  4.383   6.600   1.00 2.22 ? 60  ALA A CA 1 
ATOM 61  C CA . SER A 1 61  ? -8.174  5.401   6.896   1.00 2.69 ? 61  SER A CA 1 
ATOM 62  C CA . SER A 1 62  ? -8.209  9.117   6.029   1.00 3.61 ? 62  SER A CA 1 
ATOM 63  C CA . LEU A 1 63  ? -5.541  8.759   3.313   1.00 2.92 ? 63  LEU A CA 1 
ATOM 64  C CA . ASN A 1 64  ? -8.571  8.672   0.990   1.00 4.22 ? 64  ASN A CA 1 
ATOM 65  C CA . LEU A 1 65  ? -9.254  12.318  1.881   1.00 4.98 ? 65  LEU A CA 1 
ATOM 66  C CA . GLU A 1 66  ? -5.909  13.048  3.515   1.00 4.97 ? 66  GLU A CA 1 
ATOM 67  C CA . ASP A 1 67  ? -8.063  13.668  6.582   1.00 6.16 ? 67  ASP A CA 1 
ATOM 68  C CA . THR A 1 68  ? -8.576  17.099  5.031   1.00 7.05 ? 68  THR A CA 1 
ATOM 69  C CA . PRO A 1 69  ? -9.656  18.956  8.185   1.00 8.17 ? 69  PRO A CA 1 
ATOM 70  C CA . ALA A 1 70  ? -11.611 21.531  6.145   1.00 8.96 ? 70  ALA A CA 1 
ATOM 71  C CA . ASN A 1 71  ? -13.791 21.044  3.050   1.00 8.89 ? 71  ASN A CA 1 
ATOM 72  C CA . ASP A 1 72  ? -15.275 24.344  1.911   1.00 8.40 ? 72  ASP A CA 1 
ATOM 73  C CA . SER A 1 73  ? -14.480 23.848  -1.762  1.00 8.46 ? 73  SER A CA 1 
ATOM 74  C CA . SER A 1 74  ? -17.210 21.335  -2.639  1.00 8.75 ? 74  SER A CA 1 
ATOM 75  C CA . ALA A 1 75  ? -16.377 18.956  -5.515  1.00 9.66 ? 75  ALA A CA 1 
ATOM 76  C CA . THR A 1 76  ? -17.910 20.574  -8.615  1.00 9.25 ? 76  THR A CA 1 
ATOM 77  C CA . ARG A 1 77  ? -14.481 20.674  -10.267 1.00 9.50 ? 77  ARG A CA 1 
ATOM 78  C CA . SER A 1 78  ? -12.472 23.862  -10.881 1.00 9.48 ? 78  SER A CA 1 
ATOM 79  C CA . TRP A 1 79  ? -11.251 25.952  -7.932  1.00 9.99 ? 79  TRP A CA 1 
ATOM 80  C CA . ARG A 1 80  ? -7.564  25.056  -7.639  1.00 9.66 ? 80  ARG A CA 1 
ATOM 81  C CA . PRO A 1 81  ? -6.194  22.188  -9.767  1.00 8.63 ? 81  PRO A CA 1 
ATOM 82  C CA . PRO A 1 82  ? -6.009  19.093  -7.526  1.00 8.99 ? 82  PRO A CA 1 
ATOM 83  C CA . GLN A 1 83  ? -3.645  17.370  -9.957  1.00 8.55 ? 83  GLN A CA 1 
ATOM 84  C CA . ALA A 1 84  ? -1.711  16.047  -7.000  1.00 8.57 ? 84  ALA A CA 1 
ATOM 85  C CA . GLY A 1 85  ? -4.847  14.502  -5.492  1.00 7.03 ? 85  GLY A CA 1 
ATOM 86  C CA . ASP A 1 86  ? -5.461  17.888  -3.836  1.00 6.10 ? 86  ASP A CA 1 
ATOM 87  C CA . ARG A 1 87  ? -1.761  18.316  -3.067  1.00 4.25 ? 87  ARG A CA 1 
ATOM 88  C CA . SER A 1 88  ? -2.047  15.221  -0.886  1.00 2.87 ? 88  SER A CA 1 
ATOM 89  C CA . LEU A 1 89  ? 1.107   13.329  0.156   1.00 3.27 ? 89  LEU A CA 1 
ATOM 90  C CA . ALA A 1 90  ? 0.701   10.080  -1.810  1.00 2.71 ? 90  ALA A CA 1 
ATOM 91  C CA . ASP A 1 91  ? 0.222   12.038  -5.054  1.00 2.53 ? 91  ASP A CA 1 
ATOM 92  C CA . ASP A 1 92  ? 3.687   13.570  -4.547  1.00 2.73 ? 92  ASP A CA 1 
ATOM 93  C CA . TYR A 1 93  ? 5.243   10.080  -4.655  1.00 2.34 ? 93  TYR A CA 1 
ATOM 94  C CA . ASP A 1 94  ? 4.558   9.223   -8.313  1.00 2.36 ? 94  ASP A CA 1 
ATOM 95  C CA . TYR A 1 95  ? 2.397   6.132   -8.897  1.00 2.23 ? 95  TYR A CA 1 
ATOM 96  C CA . VAL A 1 96  ? -0.358  5.839   -6.267  1.00 2.34 ? 96  VAL A CA 1 
ATOM 97  C CA . MET A 1 97  ? -3.003  3.091   -6.507  1.00 2.38 ? 97  MET A CA 1 
ATOM 98  C CA . TYR A 1 98  ? -5.941  2.072   -4.283  1.00 2.42 ? 98  TYR A CA 1 
ATOM 99  C CA . GLY A 1 99  ? -6.466  -1.255  -2.476  1.00 2.00 ? 99  GLY A CA 1 
ATOM 100 C CA . THR A 1 100 ? -8.405  -2.796  0.439   1.00 2.00 ? 100 THR A CA 1 
ATOM 101 C CA . ALA A 1 101 ? -7.827  -5.284  3.283   1.00 1.72 ? 101 ALA A CA 1 
ATOM 102 C CA . TYR A 1 102 ? -9.551  -8.687  3.522   1.00 1.99 ? 102 TYR A CA 1 
ATOM 103 C CA . LYS A 1 103 ? -7.757  -11.272 5.679   1.00 1.82 ? 103 LYS A CA 1 
ATOM 104 C CA . PHE A 1 104 ? -5.535  -10.609 8.712   1.00 1.54 ? 104 PHE A CA 1 
ATOM 105 C CA . GLU A 1 105 ? -3.760  -13.328 10.726  1.00 1.84 ? 105 GLU A CA 1 
ATOM 106 C CA . GLU A 1 106 ? -0.720  -13.552 13.032  1.00 2.05 ? 106 GLU A CA 1 
ATOM 107 C CA . VAL A 1 107 ? 1.949   -16.227 12.494  1.00 2.88 ? 107 VAL A CA 1 
ATOM 108 C CA . SER A 1 108 ? 5.451   -16.659 13.953  1.00 3.92 ? 108 SER A CA 1 
ATOM 109 C CA . LYS A 1 109 ? 6.284   -14.556 17.030  1.00 4.05 ? 109 LYS A CA 1 
ATOM 110 C CA . ASP A 1 110 ? 6.079   -10.745 17.353  1.00 3.05 ? 110 ASP A CA 1 
ATOM 111 C CA . LEU A 1 111 ? 6.186   -10.862 13.541  1.00 2.00 ? 111 LEU A CA 1 
ATOM 112 C CA . ILE A 1 112 ? 2.610   -11.233 12.209  1.00 1.59 ? 112 ILE A CA 1 
ATOM 113 C CA . ALA A 1 113 ? 1.447   -11.226 8.560   1.00 1.28 ? 113 ALA A CA 1 
ATOM 114 C CA . VAL A 1 114 ? -1.705  -9.834  6.901   1.00 1.19 ? 114 VAL A CA 1 
ATOM 115 C CA . TYR A 1 115 ? -3.133  -10.179 3.365   1.00 1.42 ? 115 TYR A CA 1 
ATOM 116 C CA . TYR A 1 116 ? -6.184  -9.185  1.285   1.00 1.65 ? 116 TYR A CA 1 
ATOM 117 C CA . SER A 1 117 ? -7.835  -10.901 -1.702  1.00 2.12 ? 117 SER A CA 1 
ATOM 118 C CA . PHE A 1 118 ? -10.167 -9.563  -4.417  1.00 2.59 ? 118 PHE A CA 1 
ATOM 119 C CA . GLY A 1 119 ? -10.609 -12.575 -6.728  1.00 2.75 ? 119 GLY A CA 1 
ATOM 120 C CA . GLY A 1 120 ? -7.139  -13.033 -8.263  1.00 2.58 ? 120 GLY A CA 1 
ATOM 121 C CA . LEU A 1 121 ? -4.731  -10.339 -7.022  1.00 2.11 ? 121 LEU A CA 1 
ATOM 122 C CA . LEU A 1 122 ? -3.557  -11.102 -3.465  1.00 2.31 ? 122 LEU A CA 1 
ATOM 123 C CA . MET A 1 123 ? -1.459  -8.798  -1.251  1.00 1.52 ? 123 MET A CA 1 
ATOM 124 C CA . ARG A 1 124 ? 0.361   -9.742  1.978   1.00 1.25 ? 124 ARG A CA 1 
ATOM 125 C CA . LEU A 1 125 ? 2.589   -8.055  4.589   1.00 0.88 ? 125 LEU A CA 1 
ATOM 126 C CA . GLU A 1 126 ? 4.308   -8.928  7.896   1.00 1.11 ? 126 GLU A CA 1 
ATOM 127 C CA . GLY A 1 127 ? 5.167   -6.440  10.661  1.00 1.36 ? 127 GLY A CA 1 
ATOM 128 C CA . ASN A 1 128 ? 3.707   -5.359  14.038  1.00 1.65 ? 128 ASN A CA 1 
ATOM 129 C CA . TYR A 1 129 ? 0.141   -6.101  15.202  1.00 2.59 ? 129 TYR A CA 1 
ATOM 130 C CA . ARG A 1 130 ? -1.427  -3.210  17.142  1.00 2.39 ? 130 ARG A CA 1 
ATOM 131 C CA . ASN A 1 131 ? -1.064  -1.267  13.878  1.00 3.42 ? 131 ASN A CA 1 
ATOM 132 C CA . LEU A 1 132 ? -3.688  -3.649  12.439  1.00 3.44 ? 132 LEU A CA 1 
ATOM 133 C CA . ASN A 1 133 ? -6.176  -2.934  15.261  1.00 2.16 ? 133 ASN A CA 1 
ATOM 134 C CA . ASN A 1 134 ? -7.494  -0.230  12.912  1.00 2.00 ? 134 ASN A CA 1 
ATOM 135 C CA . LEU A 1 135 ? -7.162  -2.475  9.836   1.00 2.00 ? 135 LEU A CA 1 
ATOM 136 C CA . LYS A 1 136 ? -10.355 -4.195  11.063  1.00 2.33 ? 136 LYS A CA 1 
ATOM 137 C CA . GLN A 1 137 ? -11.974 -1.867  8.503   1.00 2.37 ? 137 GLN A CA 1 
ATOM 138 C CA . GLU A 1 138 ? -10.110 0.456   6.112   1.00 2.39 ? 138 GLU A CA 1 
ATOM 139 C CA . ASN A 1 139 ? -8.449  0.696   2.681   1.00 2.15 ? 139 ASN A CA 1 
ATOM 140 C CA . ALA A 1 140 ? -4.771  0.386   1.692   1.00 1.84 ? 140 ALA A CA 1 
ATOM 141 C CA . TYR A 1 141 ? -3.275  2.392   -1.196  1.00 2.03 ? 141 TYR A CA 1 
ATOM 142 C CA . LEU A 1 142 ? 0.024   1.623   -2.966  1.00 1.86 ? 142 LEU A CA 1 
ATOM 143 C CA . LEU A 1 143 ? 2.578   4.349   -3.774  1.00 1.90 ? 143 LEU A CA 1 
ATOM 144 C CA . ILE A 1 144 ? 5.533   3.329   -5.964  1.00 1.73 ? 144 ILE A CA 1 
ATOM 145 C CA . ARG A 1 145 ? 8.442   5.613   -6.913  1.00 2.02 ? 145 ARG A CA 1 
ATOM 146 C CA . ARG A 1 146 ? 11.884  5.120   -8.498  1.00 2.03 ? 146 ARG A CA 1 
# 
